data_9BVS
#
_entry.id   9BVS
#
_entity_poly.entity_id   1
_entity_poly.type   'polypeptide(L)'
_entity_poly.pdbx_seq_one_letter_code
;FLQWFSKFLGRIL
;
_entity_poly.pdbx_strand_id   A
#
# COMPACT_ATOMS: atom_id res chain seq x y z
N PHE A 1 -0.04 -1.61 -4.60
CA PHE A 1 1.40 -1.71 -4.78
C PHE A 1 2.13 -1.54 -3.46
N LEU A 2 1.62 -2.18 -2.42
CA LEU A 2 2.21 -2.10 -1.09
C LEU A 2 3.29 -3.17 -0.90
N GLN A 3 4.19 -2.94 0.05
CA GLN A 3 5.26 -3.89 0.32
C GLN A 3 4.79 -4.99 1.26
N TRP A 4 4.33 -4.60 2.44
CA TRP A 4 3.84 -5.55 3.42
C TRP A 4 2.37 -5.89 3.19
N PHE A 5 1.50 -4.94 3.54
CA PHE A 5 0.06 -5.14 3.36
C PHE A 5 -0.61 -3.83 2.91
N SER A 6 -1.92 -3.90 2.70
CA SER A 6 -2.68 -2.74 2.26
C SER A 6 -2.43 -1.54 3.18
N LYS A 7 -2.16 -0.39 2.58
CA LYS A 7 -1.91 0.83 3.35
C LYS A 7 -1.95 2.05 2.45
N PHE A 8 -2.47 3.15 2.98
CA PHE A 8 -2.56 4.39 2.22
C PHE A 8 -1.18 4.94 1.89
N LEU A 9 -0.21 4.63 2.75
CA LEU A 9 1.16 5.09 2.56
C LEU A 9 1.68 4.67 1.18
N GLY A 10 1.24 3.50 0.73
CA GLY A 10 1.68 3.00 -0.57
C GLY A 10 0.80 3.51 -1.70
N ARG A 11 0.39 2.59 -2.58
CA ARG A 11 -0.45 2.95 -3.72
C ARG A 11 -1.68 2.05 -3.78
N ILE A 12 -2.13 1.59 -2.63
CA ILE A 12 -3.30 0.71 -2.55
C ILE A 12 -4.50 1.36 -3.23
N LEU A 13 -5.34 0.53 -3.84
CA LEU A 13 -6.53 1.01 -4.54
C LEU A 13 -7.72 0.09 -4.28
N PHE A 1 0.43 -0.24 -5.14
CA PHE A 1 1.69 -0.95 -5.28
C PHE A 1 2.41 -1.06 -3.93
N LEU A 2 1.73 -1.65 -2.95
CA LEU A 2 2.29 -1.82 -1.62
C LEU A 2 3.27 -2.99 -1.58
N GLN A 3 3.93 -3.17 -0.45
CA GLN A 3 4.88 -4.26 -0.28
C GLN A 3 4.53 -5.11 0.92
N TRP A 4 4.49 -4.49 2.10
CA TRP A 4 4.17 -5.21 3.33
C TRP A 4 2.67 -5.48 3.42
N PHE A 5 1.88 -4.41 3.50
CA PHE A 5 0.43 -4.53 3.58
C PHE A 5 -0.27 -3.41 2.82
N SER A 6 -1.58 -3.49 2.74
CA SER A 6 -2.36 -2.48 2.02
C SER A 6 -2.54 -1.24 2.88
N LYS A 7 -1.48 -0.43 2.98
CA LYS A 7 -1.52 0.79 3.77
C LYS A 7 -1.79 2.01 2.88
N PHE A 8 -1.91 3.17 3.51
CA PHE A 8 -2.16 4.40 2.77
C PHE A 8 -0.86 5.02 2.27
N LEU A 9 0.22 4.77 3.00
CA LEU A 9 1.53 5.30 2.64
C LEU A 9 1.90 4.91 1.20
N GLY A 10 1.37 3.77 0.75
CA GLY A 10 1.66 3.32 -0.59
C GLY A 10 0.68 3.87 -1.61
N ARG A 11 0.36 3.07 -2.63
CA ARG A 11 -0.56 3.49 -3.67
C ARG A 11 -1.74 2.53 -3.77
N ILE A 12 -2.09 1.91 -2.64
CA ILE A 12 -3.20 0.97 -2.60
C ILE A 12 -4.47 1.59 -3.18
N LEU A 13 -5.29 0.76 -3.83
CA LEU A 13 -6.54 1.23 -4.42
C LEU A 13 -7.74 0.73 -3.63
N PHE A 1 -0.92 -1.32 -5.00
CA PHE A 1 -0.19 -2.37 -4.30
C PHE A 1 1.07 -1.81 -3.64
N LEU A 2 1.37 -2.31 -2.45
CA LEU A 2 2.54 -1.86 -1.71
C LEU A 2 3.50 -3.01 -1.45
N GLN A 3 4.57 -2.75 -0.70
CA GLN A 3 5.56 -3.77 -0.39
C GLN A 3 5.04 -4.73 0.67
N TRP A 4 5.00 -4.26 1.92
CA TRP A 4 4.51 -5.08 3.02
C TRP A 4 3.08 -5.54 2.78
N PHE A 5 2.14 -4.61 2.91
CA PHE A 5 0.72 -4.93 2.71
C PHE A 5 -0.08 -3.66 2.45
N SER A 6 -1.34 -3.84 2.09
CA SER A 6 -2.22 -2.71 1.81
C SER A 6 -2.22 -1.72 2.96
N LYS A 7 -2.11 -0.43 2.63
CA LYS A 7 -2.10 0.61 3.65
C LYS A 7 -2.15 2.00 3.00
N PHE A 8 -2.54 3.00 3.80
CA PHE A 8 -2.63 4.37 3.30
C PHE A 8 -1.24 4.97 3.11
N LEU A 9 -0.28 4.50 3.91
CA LEU A 9 1.09 4.99 3.82
C LEU A 9 1.61 4.92 2.39
N GLY A 10 1.30 3.83 1.70
CA GLY A 10 1.75 3.67 0.33
C GLY A 10 0.78 4.27 -0.67
N ARG A 11 0.95 3.93 -1.94
CA ARG A 11 0.08 4.44 -3.00
C ARG A 11 -0.96 3.40 -3.40
N ILE A 12 -1.43 2.64 -2.42
CA ILE A 12 -2.44 1.61 -2.67
C ILE A 12 -3.66 2.19 -3.36
N LEU A 13 -4.28 1.39 -4.22
CA LEU A 13 -5.46 1.83 -4.95
C LEU A 13 -6.63 0.87 -4.72
N PHE A 1 0.31 -0.74 -4.65
CA PHE A 1 1.68 -1.24 -4.66
C PHE A 1 2.33 -1.08 -3.29
N LEU A 2 2.03 -2.00 -2.39
CA LEU A 2 2.57 -1.97 -1.04
C LEU A 2 3.67 -3.01 -0.87
N GLN A 3 4.52 -2.81 0.15
CA GLN A 3 5.61 -3.73 0.41
C GLN A 3 5.20 -4.79 1.43
N TRP A 4 4.92 -4.34 2.65
CA TRP A 4 4.50 -5.25 3.71
C TRP A 4 3.06 -5.71 3.52
N PHE A 5 2.13 -4.79 3.73
CA PHE A 5 0.71 -5.10 3.57
C PHE A 5 -0.06 -3.89 3.03
N SER A 6 -1.31 -4.11 2.67
CA SER A 6 -2.14 -3.04 2.13
C SER A 6 -2.16 -1.84 3.06
N LYS A 7 -2.08 -0.64 2.48
CA LYS A 7 -2.08 0.59 3.26
C LYS A 7 -2.19 1.80 2.35
N PHE A 8 -2.73 2.89 2.89
CA PHE A 8 -2.90 4.13 2.12
C PHE A 8 -1.55 4.79 1.86
N LEU A 9 -0.63 4.63 2.80
CA LEU A 9 0.70 5.21 2.68
C LEU A 9 1.35 4.80 1.36
N GLY A 10 1.05 3.59 0.90
CA GLY A 10 1.62 3.11 -0.35
C GLY A 10 0.79 3.53 -1.55
N ARG A 11 0.67 2.62 -2.52
CA ARG A 11 -0.09 2.89 -3.74
C ARG A 11 -1.24 1.90 -3.89
N ILE A 12 -1.74 1.40 -2.76
CA ILE A 12 -2.83 0.44 -2.78
C ILE A 12 -4.01 0.95 -3.60
N LEU A 13 -4.71 0.03 -4.27
CA LEU A 13 -5.85 0.40 -5.10
C LEU A 13 -7.16 0.20 -4.33
N PHE A 1 0.43 -0.38 -4.81
CA PHE A 1 1.79 -0.91 -4.91
C PHE A 1 2.58 -0.63 -3.63
N LEU A 2 2.13 -1.20 -2.53
CA LEU A 2 2.79 -1.01 -1.24
C LEU A 2 4.04 -1.88 -1.14
N GLN A 3 4.76 -1.75 -0.03
CA GLN A 3 5.98 -2.52 0.20
C GLN A 3 5.74 -3.64 1.20
N TRP A 4 4.81 -3.40 2.12
CA TRP A 4 4.47 -4.39 3.15
C TRP A 4 3.07 -4.95 2.94
N PHE A 5 2.06 -4.11 3.22
CA PHE A 5 0.68 -4.52 3.07
C PHE A 5 -0.21 -3.33 2.70
N SER A 6 -1.44 -3.60 2.33
CA SER A 6 -2.39 -2.55 1.95
C SER A 6 -2.50 -1.50 3.05
N LYS A 7 -1.94 -0.32 2.79
CA LYS A 7 -1.98 0.77 3.76
C LYS A 7 -2.24 2.10 3.07
N PHE A 8 -2.31 3.17 3.85
CA PHE A 8 -2.55 4.50 3.31
C PHE A 8 -1.24 5.28 3.15
N LEU A 9 -0.15 4.53 2.96
CA LEU A 9 1.16 5.14 2.78
C LEU A 9 1.83 4.64 1.51
N GLY A 10 1.02 4.30 0.51
CA GLY A 10 1.55 3.82 -0.74
C GLY A 10 0.62 4.09 -1.91
N ARG A 11 0.53 3.14 -2.84
CA ARG A 11 -0.31 3.28 -4.01
C ARG A 11 -1.41 2.22 -4.01
N ILE A 12 -1.89 1.86 -2.82
CA ILE A 12 -2.94 0.86 -2.68
C ILE A 12 -4.19 1.28 -3.45
N LEU A 13 -4.90 0.29 -4.00
CA LEU A 13 -6.12 0.55 -4.76
C LEU A 13 -7.29 -0.22 -4.17
N PHE A 1 -1.71 -2.09 -4.25
CA PHE A 1 -0.83 -2.76 -3.31
C PHE A 1 0.41 -1.92 -3.02
N LEU A 2 1.14 -2.29 -1.97
CA LEU A 2 2.35 -1.57 -1.60
C LEU A 2 3.54 -2.52 -1.49
N GLN A 3 4.70 -1.97 -1.15
CA GLN A 3 5.91 -2.76 -1.01
C GLN A 3 5.76 -3.81 0.09
N TRP A 4 5.19 -3.40 1.21
CA TRP A 4 4.98 -4.31 2.33
C TRP A 4 3.60 -4.96 2.26
N PHE A 5 2.57 -4.17 2.51
CA PHE A 5 1.19 -4.68 2.47
C PHE A 5 0.20 -3.55 2.22
N SER A 6 -1.02 -3.92 1.86
CA SER A 6 -2.06 -2.93 1.57
C SER A 6 -2.31 -2.04 2.79
N LYS A 7 -1.93 -0.77 2.67
CA LYS A 7 -2.10 0.19 3.74
C LYS A 7 -2.31 1.60 3.20
N PHE A 8 -2.78 2.49 4.06
CA PHE A 8 -3.04 3.88 3.65
C PHE A 8 -1.73 4.57 3.26
N LEU A 9 -0.63 4.12 3.84
CA LEU A 9 0.68 4.69 3.54
C LEU A 9 1.28 4.06 2.29
N GLY A 10 0.95 4.62 1.13
CA GLY A 10 1.47 4.10 -0.12
C GLY A 10 0.60 4.47 -1.31
N ARG A 11 0.71 3.69 -2.38
CA ARG A 11 -0.07 3.94 -3.58
C ARG A 11 -1.21 2.93 -3.71
N ILE A 12 -1.74 2.50 -2.57
CA ILE A 12 -2.83 1.53 -2.56
C ILE A 12 -4.08 2.11 -3.22
N LEU A 13 -4.85 1.26 -3.88
CA LEU A 13 -6.07 1.67 -4.55
C LEU A 13 -7.26 1.63 -3.59
N PHE A 1 -1.68 -1.77 -4.49
CA PHE A 1 -0.89 -2.58 -3.58
C PHE A 1 0.44 -1.89 -3.24
N LEU A 2 0.99 -2.20 -2.08
CA LEU A 2 2.24 -1.61 -1.65
C LEU A 2 3.33 -2.67 -1.52
N GLN A 3 4.53 -2.25 -1.13
CA GLN A 3 5.65 -3.16 -0.97
C GLN A 3 5.30 -4.30 -0.02
N TRP A 4 4.66 -3.95 1.09
CA TRP A 4 4.27 -4.94 2.10
C TRP A 4 2.83 -5.39 1.88
N PHE A 5 1.89 -4.53 2.24
CA PHE A 5 0.46 -4.83 2.09
C PHE A 5 -0.32 -3.58 1.73
N SER A 6 -1.64 -3.73 1.63
CA SER A 6 -2.52 -2.61 1.28
C SER A 6 -2.75 -1.71 2.49
N LYS A 7 -2.18 -0.51 2.44
CA LYS A 7 -2.33 0.45 3.53
C LYS A 7 -2.36 1.87 3.00
N PHE A 8 -2.72 2.82 3.86
CA PHE A 8 -2.79 4.22 3.48
C PHE A 8 -1.41 4.75 3.12
N LEU A 9 -0.40 4.30 3.84
CA LEU A 9 0.98 4.73 3.61
C LEU A 9 1.54 4.08 2.35
N GLY A 10 1.30 4.71 1.20
CA GLY A 10 1.80 4.17 -0.06
C GLY A 10 0.98 4.63 -1.24
N ARG A 11 1.19 3.99 -2.39
CA ARG A 11 0.48 4.34 -3.61
C ARG A 11 -0.70 3.41 -3.84
N ILE A 12 -1.31 2.95 -2.75
CA ILE A 12 -2.45 2.05 -2.84
C ILE A 12 -3.61 2.68 -3.60
N LEU A 13 -4.35 1.86 -4.33
CA LEU A 13 -5.49 2.35 -5.11
C LEU A 13 -6.78 1.65 -4.67
N PHE A 1 -1.01 -0.98 -4.72
CA PHE A 1 -0.16 -2.10 -4.30
C PHE A 1 1.10 -1.58 -3.60
N LEU A 2 1.28 -1.99 -2.36
CA LEU A 2 2.44 -1.58 -1.58
C LEU A 2 3.37 -2.76 -1.31
N GLN A 3 4.42 -2.52 -0.54
CA GLN A 3 5.38 -3.56 -0.20
C GLN A 3 4.81 -4.52 0.84
N TRP A 4 4.68 -4.03 2.08
CA TRP A 4 4.13 -4.83 3.17
C TRP A 4 2.73 -5.33 2.83
N PHE A 5 1.76 -4.43 2.90
CA PHE A 5 0.38 -4.78 2.60
C PHE A 5 -0.45 -3.54 2.30
N SER A 6 -1.73 -3.74 1.98
CA SER A 6 -2.62 -2.63 1.67
C SER A 6 -2.83 -1.74 2.88
N LYS A 7 -2.26 -0.54 2.83
CA LYS A 7 -2.37 0.42 3.93
C LYS A 7 -2.55 1.83 3.40
N PHE A 8 -2.63 2.79 4.31
CA PHE A 8 -2.80 4.19 3.93
C PHE A 8 -1.47 4.94 4.02
N LEU A 9 -0.38 4.22 3.77
CA LEU A 9 0.95 4.82 3.82
C LEU A 9 1.50 5.03 2.40
N GLY A 10 1.28 4.05 1.54
CA GLY A 10 1.75 4.14 0.17
C GLY A 10 0.66 4.55 -0.80
N ARG A 11 0.82 4.17 -2.06
CA ARG A 11 -0.17 4.49 -3.09
C ARG A 11 -1.03 3.29 -3.42
N ILE A 12 -1.65 2.71 -2.40
CA ILE A 12 -2.49 1.54 -2.58
C ILE A 12 -3.76 1.90 -3.35
N LEU A 13 -4.25 0.96 -4.16
CA LEU A 13 -5.46 1.19 -4.95
C LEU A 13 -6.70 0.80 -4.15
N PHE A 1 0.30 -0.50 -4.90
CA PHE A 1 1.67 -0.98 -4.96
C PHE A 1 2.28 -1.03 -3.57
N LEU A 2 1.69 -1.86 -2.70
CA LEU A 2 2.18 -2.01 -1.33
C LEU A 2 3.09 -3.23 -1.21
N GLN A 3 3.79 -3.33 -0.09
CA GLN A 3 4.69 -4.45 0.15
C GLN A 3 4.15 -5.36 1.26
N TRP A 4 3.88 -4.78 2.42
CA TRP A 4 3.35 -5.54 3.55
C TRP A 4 1.84 -5.69 3.44
N PHE A 5 1.11 -4.62 3.70
CA PHE A 5 -0.35 -4.64 3.64
C PHE A 5 -0.87 -3.45 2.82
N SER A 6 -2.18 -3.45 2.57
CA SER A 6 -2.81 -2.39 1.82
C SER A 6 -3.00 -1.14 2.67
N LYS A 7 -1.90 -0.43 2.92
CA LYS A 7 -1.94 0.79 3.74
C LYS A 7 -2.11 2.02 2.86
N PHE A 8 -2.19 3.18 3.49
CA PHE A 8 -2.35 4.44 2.76
C PHE A 8 -0.99 5.03 2.40
N LEU A 9 0.02 4.71 3.20
CA LEU A 9 1.37 5.21 2.96
C LEU A 9 1.83 4.86 1.54
N GLY A 10 1.51 3.65 1.10
CA GLY A 10 1.91 3.22 -0.22
C GLY A 10 1.06 3.85 -1.31
N ARG A 11 0.72 3.06 -2.33
CA ARG A 11 -0.09 3.56 -3.44
C ARG A 11 -1.27 2.63 -3.71
N ILE A 12 -1.79 2.02 -2.65
CA ILE A 12 -2.92 1.11 -2.78
C ILE A 12 -4.09 1.77 -3.50
N LEU A 13 -4.84 0.99 -4.26
CA LEU A 13 -5.99 1.51 -4.99
C LEU A 13 -6.99 2.17 -4.04
N PHE A 1 -0.97 -1.63 -5.13
CA PHE A 1 -0.12 -2.71 -4.65
C PHE A 1 1.15 -2.17 -4.01
N LEU A 2 1.37 -2.53 -2.75
CA LEU A 2 2.55 -2.08 -2.01
C LEU A 2 3.52 -3.23 -1.77
N GLN A 3 4.58 -2.95 -1.02
CA GLN A 3 5.59 -3.96 -0.71
C GLN A 3 5.17 -4.79 0.50
N TRP A 4 5.01 -4.11 1.64
CA TRP A 4 4.61 -4.78 2.87
C TRP A 4 3.20 -5.36 2.75
N PHE A 5 2.21 -4.47 2.73
CA PHE A 5 0.81 -4.89 2.62
C PHE A 5 -0.09 -3.71 2.30
N SER A 6 -1.36 -4.00 2.02
CA SER A 6 -2.32 -2.95 1.69
C SER A 6 -2.32 -1.86 2.74
N LYS A 7 -2.24 -0.60 2.28
CA LYS A 7 -2.23 0.54 3.18
C LYS A 7 -2.30 1.85 2.39
N PHE A 8 -2.86 2.88 3.01
CA PHE A 8 -2.98 4.18 2.37
C PHE A 8 -1.61 4.87 2.25
N LEU A 9 -0.70 4.51 3.16
CA LEU A 9 0.64 5.09 3.16
C LEU A 9 1.29 4.97 1.78
N GLY A 10 0.91 3.93 1.05
CA GLY A 10 1.46 3.71 -0.28
C GLY A 10 0.49 4.10 -1.38
N ARG A 11 0.77 3.64 -2.60
CA ARG A 11 -0.08 3.95 -3.73
C ARG A 11 -1.03 2.79 -4.04
N ILE A 12 -1.53 2.15 -2.98
CA ILE A 12 -2.44 1.02 -3.13
C ILE A 12 -3.71 1.44 -3.86
N LEU A 13 -4.26 0.53 -4.65
CA LEU A 13 -5.48 0.80 -5.39
C LEU A 13 -6.37 -0.44 -5.47
#